data_8EMD
#
_entry.id   8EMD
#
_cell.length_a   43.009
_cell.length_b   60.549
_cell.length_c   44.566
_cell.angle_alpha   90.000
_cell.angle_beta   116.718
_cell.angle_gamma   90.000
#
_symmetry.space_group_name_H-M   'P 1 21 1'
#
loop_
_entity.id
_entity.type
_entity.pdbx_description
1 polymer "DNA (5'-D(*AP*AP*TP*AP*AP*GP*CP*GP*GP*AP*AP*GP*TP*GP*GP*G)-3')"
2 polymer "DNA (5'-D(*TP*CP*CP*CP*AP*CP*TP*TP*CP*CP*GP*CP*TP*TP*AP*T)-3')"
3 polymer 'Transcription factor PU.1'
4 non-polymer 'SODIUM ION'
5 water water
#
loop_
_entity_poly.entity_id
_entity_poly.type
_entity_poly.pdbx_seq_one_letter_code
_entity_poly.pdbx_strand_id
1 'polydeoxyribonucleotide' (DA)(DA)(DT)(DA)(DA)(DG)(DC)(DG)(DG)(DA)(DA)(DG)(DT)(DG)(DG)(DG) C
2 'polydeoxyribonucleotide' (DT)(DC)(DC)(DC)(DA)(DC)(DT)(DT)(DC)(DC)(DG)(DC)(DT)(DT)(DA)(DT) D
3 'polypeptide(L)'
;GSKKKIRLYQFLLDLLRSGDMKDSIWWVDKDKGTFQFSSKHKEALAHRWGIQKGNRKKMTYEKMARALRNYGKTGEVKKV
KKKLTYQFSGEVLGRGGLAERRHPPH
;
F
#
loop_
_chem_comp.id
_chem_comp.type
_chem_comp.name
_chem_comp.formula
DA DNA linking 2'-DEOXYADENOSINE-5'-MONOPHOSPHATE 'C10 H14 N5 O6 P'
DC DNA linking 2'-DEOXYCYTIDINE-5'-MONOPHOSPHATE 'C9 H14 N3 O7 P'
DG DNA linking 2'-DEOXYGUANOSINE-5'-MONOPHOSPHATE 'C10 H14 N5 O7 P'
DT DNA linking THYMIDINE-5'-MONOPHOSPHATE 'C10 H15 N2 O8 P'
NA non-polymer 'SODIUM ION' 'Na 1'
#
# COMPACT_ATOMS: atom_id res chain seq x y z
N LYS C 5 -4.53 0.38 -16.31
CA LYS C 5 -4.74 -0.27 -15.02
C LYS C 5 -4.22 0.60 -13.87
N ILE C 6 -4.86 0.42 -12.71
CA ILE C 6 -4.57 1.25 -11.55
C ILE C 6 -3.13 1.03 -11.08
N ARG C 7 -2.54 2.08 -10.52
CA ARG C 7 -1.21 2.00 -9.96
C ARG C 7 -1.26 1.58 -8.50
N LEU C 8 -0.22 0.89 -8.06
CA LEU C 8 -0.20 0.32 -6.72
C LEU C 8 -0.45 1.38 -5.66
N TYR C 9 0.18 2.55 -5.76
CA TYR C 9 -0.07 3.53 -4.70
C TYR C 9 -1.53 3.98 -4.66
N GLN C 10 -2.19 4.03 -5.81
CA GLN C 10 -3.58 4.44 -5.86
C GLN C 10 -4.50 3.35 -5.31
N PHE C 11 -4.18 2.09 -5.58
CA PHE C 11 -4.88 0.94 -4.99
C PHE C 11 -4.85 1.03 -3.46
N LEU C 12 -3.69 1.34 -2.90
CA LEU C 12 -3.58 1.42 -1.45
C LEU C 12 -4.33 2.62 -0.90
N LEU C 13 -4.16 3.77 -1.57
CA LEU C 13 -4.87 4.97 -1.11
C LEU C 13 -6.37 4.76 -1.18
N ASP C 14 -6.86 4.10 -2.23
CA ASP C 14 -8.28 3.82 -2.34
C ASP C 14 -8.76 2.90 -1.23
N LEU C 15 -7.96 1.88 -0.88
CA LEU C 15 -8.35 1.02 0.23
C LEU C 15 -8.46 1.81 1.53
N LEU C 16 -7.48 2.67 1.78
CA LEU C 16 -7.50 3.45 3.03
C LEU C 16 -8.71 4.36 3.09
N ARG C 17 -9.09 4.94 1.95
CA ARG C 17 -10.25 5.82 1.93
C ARG C 17 -11.54 5.05 2.12
N SER C 18 -11.65 3.88 1.49
CA SER C 18 -12.90 3.12 1.52
C SER C 18 -13.06 2.33 2.80
N GLY C 19 -11.96 1.95 3.44
CA GLY C 19 -12.02 1.13 4.64
C GLY C 19 -12.32 -0.33 4.42
N ASP C 20 -12.20 -0.84 3.18
CA ASP C 20 -12.71 -2.19 2.89
C ASP C 20 -11.83 -3.31 3.45
N MET C 21 -10.56 -3.04 3.72
CA MET C 21 -9.66 -4.02 4.33
C MET C 21 -9.03 -3.42 5.59
N LYS C 22 -9.88 -2.96 6.52
CA LYS C 22 -9.43 -2.25 7.71
C LYS C 22 -8.52 -3.10 8.60
N ASP C 23 -8.68 -4.42 8.55
CA ASP C 23 -7.83 -5.29 9.34
C ASP C 23 -6.48 -5.56 8.68
N SER C 24 -6.29 -5.11 7.45
CA SER C 24 -5.03 -5.36 6.77
C SER C 24 -4.18 -4.12 6.62
N ILE C 25 -4.80 -2.93 6.63
CA ILE C 25 -4.08 -1.68 6.40
C ILE C 25 -4.82 -0.57 7.12
N TRP C 26 -4.07 0.43 7.57
CA TRP C 26 -4.71 1.53 8.29
C TRP C 26 -3.80 2.75 8.31
N TRP C 27 -4.42 3.91 8.50
CA TRP C 27 -3.67 5.12 8.71
C TRP C 27 -3.01 5.09 10.07
N VAL C 28 -1.80 5.62 10.12
CA VAL C 28 -1.15 5.93 11.39
C VAL C 28 -1.39 7.40 11.68
N ASP C 29 -1.02 8.28 10.75
CA ASP C 29 -1.33 9.70 10.86
C ASP C 29 -1.79 10.15 9.48
N LYS C 30 -3.11 10.18 9.27
CA LYS C 30 -3.59 10.44 7.92
C LYS C 30 -3.18 11.82 7.44
N ASP C 31 -3.03 12.78 8.36
CA ASP C 31 -2.62 14.13 7.97
C ASP C 31 -1.23 14.14 7.33
N LYS C 32 -0.33 13.28 7.83
CA LYS C 32 1.01 13.12 7.27
C LYS C 32 1.07 12.09 6.16
N GLY C 33 -0.02 11.36 5.96
CA GLY C 33 -0.02 10.33 4.96
C GLY C 33 0.67 9.05 5.34
N THR C 34 0.90 8.80 6.63
CA THR C 34 1.57 7.58 7.06
C THR C 34 0.54 6.47 7.28
N PHE C 35 0.88 5.26 6.84
CA PHE C 35 -0.01 4.11 6.96
C PHE C 35 0.80 2.87 7.26
N GLN C 36 0.12 1.85 7.76
CA GLN C 36 0.80 0.65 8.22
C GLN C 36 0.00 -0.58 7.82
N PHE C 37 0.72 -1.63 7.40
CA PHE C 37 0.11 -2.92 7.13
C PHE C 37 0.05 -3.77 8.39
N SER C 38 -0.98 -4.63 8.43
CA SER C 38 -1.11 -5.67 9.45
C SER C 38 -0.06 -6.76 9.26
N SER C 39 0.68 -7.08 10.32
CA SER C 39 1.61 -8.19 10.22
C SER C 39 0.90 -9.49 9.85
N LYS C 40 -0.24 -9.79 10.48
CA LYS C 40 -0.88 -11.06 10.26
C LYS C 40 -1.84 -11.07 9.06
N HIS C 41 -2.31 -9.91 8.61
CA HIS C 41 -3.35 -9.90 7.57
C HIS C 41 -2.93 -9.15 6.30
N LYS C 42 -1.65 -8.81 6.15
CA LYS C 42 -1.22 -8.14 4.94
C LYS C 42 -1.30 -9.03 3.71
N GLU C 43 -1.14 -10.34 3.86
CA GLU C 43 -1.12 -11.17 2.67
C GLU C 43 -2.46 -11.14 1.95
N ALA C 44 -3.58 -11.07 2.69
CA ALA C 44 -4.88 -11.02 2.00
C ALA C 44 -4.96 -9.79 1.12
N LEU C 45 -4.38 -8.68 1.58
CA LEU C 45 -4.38 -7.47 0.78
C LEU C 45 -3.48 -7.63 -0.43
N ALA C 46 -2.28 -8.21 -0.23
CA ALA C 46 -1.42 -8.51 -1.37
C ALA C 46 -2.14 -9.37 -2.40
N HIS C 47 -2.86 -10.40 -1.94
CA HIS C 47 -3.56 -11.28 -2.87
C HIS C 47 -4.55 -10.49 -3.72
N ARG C 48 -5.26 -9.54 -3.09
CA ARG C 48 -6.25 -8.74 -3.81
CA ARG C 48 -6.25 -8.74 -3.81
C ARG C 48 -5.59 -7.86 -4.87
N TRP C 49 -4.40 -7.32 -4.57
CA TRP C 49 -3.68 -6.52 -5.55
C TRP C 49 -3.37 -7.33 -6.81
N GLY C 50 -2.84 -8.54 -6.61
CA GLY C 50 -2.50 -9.39 -7.76
C GLY C 50 -3.71 -9.78 -8.58
N ILE C 51 -4.80 -10.10 -7.91
CA ILE C 51 -6.02 -10.45 -8.65
C ILE C 51 -6.57 -9.23 -9.40
N GLN C 52 -6.54 -8.06 -8.77
CA GLN C 52 -6.96 -6.84 -9.46
C GLN C 52 -6.13 -6.59 -10.70
N LYS C 53 -4.84 -6.87 -10.63
CA LYS C 53 -3.94 -6.68 -11.76
C LYS C 53 -4.02 -7.80 -12.77
N GLY C 54 -4.59 -8.93 -12.41
CA GLY C 54 -4.64 -10.06 -13.33
C GLY C 54 -3.29 -10.69 -13.57
N ASN C 55 -2.41 -10.64 -12.58
CA ASN C 55 -1.09 -11.19 -12.74
C ASN C 55 -1.14 -12.71 -12.83
N ARG C 56 -0.08 -13.26 -13.42
CA ARG C 56 -0.02 -14.71 -13.62
C ARG C 56 0.14 -15.46 -12.30
N LYS C 57 1.02 -14.97 -11.42
CA LYS C 57 1.28 -15.64 -10.16
C LYS C 57 0.49 -14.99 -9.04
N LYS C 58 0.35 -15.74 -7.96
CA LYS C 58 -0.20 -15.19 -6.73
C LYS C 58 0.71 -14.09 -6.21
N MET C 59 0.12 -12.95 -5.88
CA MET C 59 0.86 -11.83 -5.32
C MET C 59 1.12 -12.07 -3.84
N THR C 60 2.30 -11.68 -3.40
CA THR C 60 2.69 -11.78 -1.99
C THR C 60 3.06 -10.40 -1.46
N TYR C 61 3.08 -10.26 -0.14
CA TYR C 61 3.52 -8.97 0.42
C TYR C 61 4.97 -8.67 0.01
N GLU C 62 5.82 -9.70 -0.03
CA GLU C 62 7.22 -9.48 -0.41
C GLU C 62 7.29 -8.83 -1.80
N LYS C 63 6.51 -9.37 -2.75
CA LYS C 63 6.58 -8.79 -4.09
C LYS C 63 5.93 -7.41 -4.14
N MET C 64 4.84 -7.22 -3.40
CA MET C 64 4.19 -5.92 -3.35
C MET C 64 5.13 -4.88 -2.75
N ALA C 65 5.86 -5.25 -1.69
CA ALA C 65 6.81 -4.34 -1.09
C ALA C 65 8.02 -4.10 -2.00
N ARG C 66 8.39 -5.08 -2.84
CA ARG C 66 9.41 -4.82 -3.85
C ARG C 66 8.98 -3.70 -4.81
N ALA C 67 7.73 -3.74 -5.26
CA ALA C 67 7.22 -2.64 -6.07
C ALA C 67 7.18 -1.33 -5.27
N LEU C 68 6.74 -1.38 -4.01
CA LEU C 68 6.67 -0.15 -3.24
C LEU C 68 8.01 0.52 -3.11
N ARG C 69 9.08 -0.25 -2.90
CA ARG C 69 10.38 0.37 -2.75
C ARG C 69 10.79 1.15 -3.99
N ASN C 70 10.28 0.77 -5.16
CA ASN C 70 10.63 1.52 -6.37
C ASN C 70 10.06 2.94 -6.40
N TYR C 71 9.06 3.23 -5.57
CA TYR C 71 8.55 4.60 -5.48
C TYR C 71 9.45 5.50 -4.66
N GLY C 72 10.41 4.94 -3.94
CA GLY C 72 11.24 5.75 -3.07
C GLY C 72 11.95 6.87 -3.80
N LYS C 73 12.41 6.61 -5.03
CA LYS C 73 13.17 7.61 -5.75
C LYS C 73 12.27 8.69 -6.34
N THR C 74 11.12 8.32 -6.88
CA THR C 74 10.20 9.30 -7.45
C THR C 74 9.32 9.95 -6.39
N GLY C 75 9.10 9.29 -5.26
CA GLY C 75 8.58 9.94 -4.08
C GLY C 75 7.13 9.63 -3.73
N GLU C 76 6.39 8.90 -4.56
CA GLU C 76 4.96 8.69 -4.30
C GLU C 76 4.74 8.03 -2.95
N VAL C 77 5.62 7.11 -2.58
CA VAL C 77 5.53 6.37 -1.32
C VAL C 77 6.95 6.19 -0.80
N LYS C 78 7.16 6.50 0.47
CA LYS C 78 8.45 6.30 1.12
C LYS C 78 8.29 5.38 2.31
N LYS C 79 9.32 4.57 2.54
CA LYS C 79 9.34 3.72 3.72
C LYS C 79 9.65 4.56 4.94
N VAL C 80 8.88 4.35 6.01
CA VAL C 80 9.09 4.96 7.32
C VAL C 80 9.83 3.95 8.18
N LYS C 81 10.69 4.45 9.07
CA LYS C 81 11.51 3.58 9.93
C LYS C 81 10.69 3.07 11.11
N LYS C 82 9.57 2.45 10.78
CA LYS C 82 8.67 1.80 11.71
C LYS C 82 8.14 0.54 11.04
N LYS C 83 7.84 -0.48 11.83
CA LYS C 83 7.44 -1.76 11.27
C LYS C 83 6.25 -1.61 10.33
N LEU C 84 6.44 -2.09 9.10
CA LEU C 84 5.36 -2.21 8.11
C LEU C 84 4.72 -0.85 7.78
N THR C 85 5.46 0.23 7.97
CA THR C 85 4.92 1.58 7.83
C THR C 85 5.55 2.32 6.65
N TYR C 86 4.70 3.06 5.93
CA TYR C 86 5.04 3.80 4.72
C TYR C 86 4.37 5.16 4.77
N GLN C 87 4.73 6.04 3.83
CA GLN C 87 4.17 7.39 3.80
C GLN C 87 3.94 7.84 2.35
N PHE C 88 2.72 8.24 2.04
CA PHE C 88 2.41 8.89 0.76
C PHE C 88 2.97 10.32 0.73
N SER C 89 3.35 10.74 -0.48
CA SER C 89 3.74 12.13 -0.68
C SER C 89 2.54 13.06 -0.59
N GLY C 90 2.82 14.34 -0.35
CA GLY C 90 1.76 15.33 -0.37
C GLY C 90 1.05 15.38 -1.72
N GLU C 91 1.81 15.18 -2.81
CA GLU C 91 1.21 15.24 -4.14
C GLU C 91 0.22 14.10 -4.32
N VAL C 92 0.58 12.89 -3.91
CA VAL C 92 -0.34 11.75 -3.98
C VAL C 92 -1.58 12.04 -3.15
N LEU C 93 -1.40 12.56 -1.94
CA LEU C 93 -2.53 12.80 -1.05
C LEU C 93 -3.47 13.84 -1.62
N GLY C 94 -2.92 14.87 -2.29
CA GLY C 94 -3.74 15.94 -2.80
C GLY C 94 -4.66 15.51 -3.92
N ARG C 95 -4.24 14.51 -4.70
CA ARG C 95 -5.05 13.99 -5.79
C ARG C 95 -6.04 12.94 -5.28
NA NA D . 7.25 -10.31 6.40
NA NA E . 7.29 -3.96 4.31
#